data_3R4G
#
_entry.id   3R4G
#
_cell.length_a   57.252
_cell.length_b   57.252
_cell.length_c   87.172
_cell.angle_alpha   90.00
_cell.angle_beta   90.00
_cell.angle_gamma   90.00
#
_symmetry.space_group_name_H-M   'P 41 21 2'
#
loop_
_entity.id
_entity.type
_entity.pdbx_description
1 polymer 'Peptidyl-prolyl cis-trans isomerase F, mitochondrial'
2 non-polymer '4-sulfamoylbenzoic acid'
3 non-polymer GLYCEROL
4 water water
#
_entity_poly.entity_id   1
_entity_poly.type   'polypeptide(L)'
_entity_poly.pdbx_seq_one_letter_code
;MSGNPLVYLDVDANGKPLGRVVLELKADVVPKTAENFRALCTGEKGFGYKGSTFHRVIPSFMCQAGDFTNHNGTGGKSIY
GSRFPDENFTLKHVGPGVLSMANAGPNTNGSQFFICTIKTDWLDGKHVVFGHVIEGMDVVKKIESFGSKSGRTSKKIVIT
DCGQLS
;
_entity_poly.pdbx_strand_id   A
#
loop_
_chem_comp.id
_chem_comp.type
_chem_comp.name
_chem_comp.formula
4SO non-polymer '4-sulfamoylbenzoic acid' 'C7 H7 N O4 S'
GOL non-polymer GLYCEROL 'C3 H8 O3'
#
# COMPACT_ATOMS: atom_id res chain seq x y z
N GLY A 3 -18.46 0.94 10.40
CA GLY A 3 -17.90 -0.18 9.60
C GLY A 3 -16.42 -0.02 9.34
N ASN A 4 -15.91 -0.80 8.39
CA ASN A 4 -14.51 -0.77 8.02
C ASN A 4 -14.10 0.59 7.45
N PRO A 5 -12.88 1.05 7.79
CA PRO A 5 -12.44 2.35 7.26
C PRO A 5 -12.30 2.37 5.75
N LEU A 6 -12.60 3.54 5.17
CA LEU A 6 -12.25 3.88 3.80
C LEU A 6 -11.19 4.94 3.84
N VAL A 7 -10.10 4.71 3.11
CA VAL A 7 -9.01 5.68 3.03
C VAL A 7 -8.68 5.94 1.56
N TYR A 8 -7.89 6.97 1.32
CA TYR A 8 -7.55 7.35 -0.05
C TYR A 8 -6.10 7.72 -0.20
N LEU A 9 -5.61 7.51 -1.41
CA LEU A 9 -4.30 7.98 -1.88
C LEU A 9 -4.53 8.77 -3.16
N ASP A 10 -4.10 10.04 -3.18
CA ASP A 10 -4.08 10.82 -4.42
C ASP A 10 -2.67 10.76 -4.97
N VAL A 11 -2.54 10.37 -6.24
CA VAL A 11 -1.24 10.02 -6.80
C VAL A 11 -0.93 10.88 -8.03
N ASP A 12 0.30 11.41 -8.07
CA ASP A 12 0.88 12.08 -9.24
C ASP A 12 1.92 11.19 -9.91
N ALA A 13 2.13 11.41 -11.21
CA ALA A 13 3.30 10.89 -11.92
C ALA A 13 4.00 12.08 -12.56
N ASN A 14 5.25 12.32 -12.17
CA ASN A 14 6.00 13.50 -12.63
C ASN A 14 5.18 14.78 -12.46
N GLY A 15 4.48 14.88 -11.33
CA GLY A 15 3.67 16.05 -11.03
C GLY A 15 2.32 16.15 -11.71
N LYS A 16 1.97 15.18 -12.55
CA LYS A 16 0.65 15.18 -13.19
C LYS A 16 -0.29 14.32 -12.37
N PRO A 17 -1.43 14.88 -11.92
CA PRO A 17 -2.34 14.06 -11.12
C PRO A 17 -2.90 12.91 -11.93
N LEU A 18 -2.86 11.72 -11.33
CA LEU A 18 -3.45 10.53 -11.94
C LEU A 18 -4.88 10.28 -11.46
N GLY A 19 -5.20 10.80 -10.29
CA GLY A 19 -6.47 10.53 -9.64
C GLY A 19 -6.31 9.90 -8.28
N ARG A 20 -7.41 9.29 -7.80
CA ARG A 20 -7.54 8.81 -6.44
C ARG A 20 -7.73 7.32 -6.41
N VAL A 21 -6.98 6.66 -5.52
CA VAL A 21 -7.23 5.26 -5.19
C VAL A 21 -7.93 5.23 -3.83
N VAL A 22 -9.11 4.61 -3.78
CA VAL A 22 -9.84 4.43 -2.53
C VAL A 22 -9.70 2.98 -2.09
N LEU A 23 -9.37 2.81 -0.81
CA LEU A 23 -9.10 1.49 -0.24
C LEU A 23 -10.02 1.25 0.96
N GLU A 24 -10.63 0.07 0.99
CA GLU A 24 -11.34 -0.39 2.18
CA GLU A 24 -11.35 -0.40 2.18
C GLU A 24 -10.39 -1.26 2.99
N LEU A 25 -10.28 -0.94 4.27
CA LEU A 25 -9.40 -1.67 5.19
C LEU A 25 -10.21 -2.64 6.02
N LYS A 26 -9.79 -3.89 6.01
CA LYS A 26 -10.54 -4.96 6.66
C LYS A 26 -10.22 -5.03 8.15
N ALA A 27 -10.62 -3.97 8.87
CA ALA A 27 -10.42 -3.90 10.31
C ALA A 27 -11.16 -4.99 11.08
N ASP A 28 -12.23 -5.54 10.50
CA ASP A 28 -12.91 -6.67 11.12
C ASP A 28 -12.06 -7.93 11.17
N VAL A 29 -11.16 -8.09 10.19
CA VAL A 29 -10.32 -9.28 10.08
C VAL A 29 -8.92 -9.05 10.66
N VAL A 30 -8.35 -7.88 10.38
CA VAL A 30 -6.98 -7.54 10.77
C VAL A 30 -6.97 -6.13 11.35
N PRO A 31 -7.55 -5.97 12.56
CA PRO A 31 -7.69 -4.63 13.11
C PRO A 31 -6.35 -3.91 13.32
N LYS A 32 -5.32 -4.63 13.76
CA LYS A 32 -4.05 -3.95 14.06
C LYS A 32 -3.38 -3.45 12.78
N THR A 33 -3.45 -4.28 11.75
CA THR A 33 -2.83 -3.97 10.46
C THR A 33 -3.62 -2.84 9.78
N ALA A 34 -4.94 -2.93 9.83
CA ALA A 34 -5.79 -1.86 9.28
C ALA A 34 -5.55 -0.53 9.98
N GLU A 35 -5.46 -0.56 11.31
CA GLU A 35 -5.29 0.68 12.07
C GLU A 35 -3.96 1.38 11.74
N ASN A 36 -2.88 0.59 11.62
CA ASN A 36 -1.60 1.14 11.21
C ASN A 36 -1.74 1.90 9.89
N PHE A 37 -2.29 1.25 8.87
CA PHE A 37 -2.40 1.87 7.56
C PHE A 37 -3.29 3.11 7.62
N ARG A 38 -4.42 3.02 8.31
CA ARG A 38 -5.33 4.15 8.45
C ARG A 38 -4.60 5.37 9.02
N ALA A 39 -3.90 5.16 10.14
CA ALA A 39 -3.21 6.26 10.79
C ALA A 39 -2.07 6.82 9.94
N LEU A 40 -1.40 5.97 9.17
CA LEU A 40 -0.36 6.45 8.28
C LEU A 40 -0.95 7.27 7.13
N CYS A 41 -2.18 6.96 6.71
CA CYS A 41 -2.86 7.80 5.73
C CYS A 41 -3.25 9.17 6.28
N THR A 42 -3.77 9.22 7.50
CA THR A 42 -4.15 10.53 8.06
C THR A 42 -2.93 11.34 8.50
N GLY A 43 -1.82 10.66 8.81
CA GLY A 43 -0.63 11.32 9.35
C GLY A 43 -0.78 11.75 10.79
N GLU A 44 -1.82 11.27 11.47
CA GLU A 44 -2.16 11.77 12.81
C GLU A 44 -1.10 11.52 13.90
N LYS A 45 -0.20 10.56 13.69
CA LYS A 45 0.88 10.33 14.65
C LYS A 45 2.11 11.21 14.39
N GLY A 46 2.05 12.02 13.34
CA GLY A 46 3.16 12.93 13.02
C GLY A 46 4.06 12.45 11.90
N PHE A 47 3.69 11.34 11.26
CA PHE A 47 4.41 10.76 10.13
C PHE A 47 3.44 9.90 9.35
N GLY A 48 3.80 9.54 8.13
CA GLY A 48 2.90 8.77 7.29
C GLY A 48 3.22 8.91 5.82
N TYR A 49 2.24 8.56 5.01
CA TYR A 49 2.46 8.38 3.58
C TYR A 49 2.51 9.66 2.76
N LYS A 50 1.97 10.76 3.26
CA LYS A 50 1.90 11.98 2.46
C LYS A 50 3.29 12.39 1.97
N GLY A 51 3.42 12.55 0.66
CA GLY A 51 4.66 12.98 0.04
C GLY A 51 5.62 11.86 -0.34
N SER A 52 5.30 10.63 0.03
CA SER A 52 6.14 9.49 -0.29
C SER A 52 5.78 8.88 -1.65
N THR A 53 6.48 7.82 -2.06
CA THR A 53 6.43 7.36 -3.45
C THR A 53 6.04 5.89 -3.57
N PHE A 54 5.59 5.53 -4.78
CA PHE A 54 5.60 4.13 -5.21
C PHE A 54 6.98 3.88 -5.80
N HIS A 55 7.84 3.19 -5.06
CA HIS A 55 9.25 3.06 -5.44
C HIS A 55 9.55 1.79 -6.24
N ARG A 56 8.64 0.82 -6.23
CA ARG A 56 8.87 -0.47 -6.87
C ARG A 56 7.57 -0.90 -7.52
N VAL A 57 7.54 -0.95 -8.84
CA VAL A 57 6.32 -1.24 -9.58
C VAL A 57 6.68 -2.21 -10.70
N ILE A 58 5.98 -3.35 -10.73
CA ILE A 58 6.28 -4.40 -11.68
C ILE A 58 5.02 -4.75 -12.45
N PRO A 59 5.01 -4.47 -13.78
CA PRO A 59 3.83 -4.78 -14.58
C PRO A 59 3.44 -6.25 -14.48
N SER A 60 2.14 -6.50 -14.45
CA SER A 60 1.57 -7.84 -14.30
C SER A 60 1.94 -8.48 -12.96
N PHE A 61 2.18 -7.63 -11.96
CA PHE A 61 2.45 -8.11 -10.60
C PHE A 61 1.82 -7.18 -9.56
N MET A 62 2.47 -6.07 -9.26
CA MET A 62 2.04 -5.22 -8.14
C MET A 62 2.73 -3.87 -8.16
N CYS A 63 2.14 -2.94 -7.40
CA CYS A 63 2.68 -1.60 -7.17
C CYS A 63 2.96 -1.44 -5.69
N GLN A 64 4.23 -1.16 -5.33
CA GLN A 64 4.66 -1.10 -3.94
C GLN A 64 5.04 0.31 -3.52
N ALA A 65 4.65 0.67 -2.30
CA ALA A 65 4.87 2.00 -1.76
C ALA A 65 5.03 1.90 -0.25
N GLY A 66 5.10 3.05 0.41
CA GLY A 66 5.05 3.11 1.86
C GLY A 66 6.37 3.34 2.56
N ASP A 67 7.49 3.38 1.82
CA ASP A 67 8.78 3.64 2.46
C ASP A 67 8.99 5.14 2.57
N PHE A 68 8.39 5.72 3.61
CA PHE A 68 8.42 7.16 3.76
C PHE A 68 9.68 7.65 4.46
N THR A 69 10.57 6.75 4.84
CA THR A 69 11.84 7.17 5.44
C THR A 69 13.03 7.08 4.48
N ASN A 70 13.12 6.00 3.71
CA ASN A 70 14.27 5.78 2.83
C ASN A 70 13.92 5.77 1.34
N HIS A 71 12.63 5.69 1.03
CA HIS A 71 12.12 5.82 -0.35
C HIS A 71 12.69 4.76 -1.29
N ASN A 72 13.08 3.61 -0.76
CA ASN A 72 13.75 2.62 -1.60
C ASN A 72 13.49 1.17 -1.25
N GLY A 73 12.63 0.91 -0.27
CA GLY A 73 12.29 -0.44 0.10
C GLY A 73 12.96 -0.92 1.37
N THR A 74 13.89 -0.13 1.92
CA THR A 74 14.58 -0.55 3.16
C THR A 74 13.97 0.04 4.42
N GLY A 75 13.13 1.06 4.28
CA GLY A 75 12.68 1.81 5.45
C GLY A 75 11.21 1.70 5.79
N GLY A 76 10.69 2.77 6.37
CA GLY A 76 9.34 2.80 6.90
C GLY A 76 9.30 2.39 8.35
N LYS A 77 8.21 2.74 9.02
CA LYS A 77 7.97 2.34 10.40
C LYS A 77 6.47 2.31 10.62
N SER A 78 6.04 1.50 11.58
CA SER A 78 4.63 1.44 11.92
C SER A 78 4.30 2.43 13.05
N ILE A 79 3.01 2.57 13.32
CA ILE A 79 2.58 3.39 14.44
C ILE A 79 2.89 2.77 15.80
N TYR A 80 3.23 1.48 15.80
CA TYR A 80 3.48 0.72 17.04
C TYR A 80 4.95 0.71 17.45
N GLY A 81 5.83 0.98 16.50
CA GLY A 81 7.26 0.73 16.62
C GLY A 81 7.79 0.47 15.23
N SER A 82 9.06 0.10 15.11
CA SER A 82 9.61 -0.06 13.75
C SER A 82 8.95 -1.16 12.96
N ARG A 83 8.68 -2.29 13.60
CA ARG A 83 8.05 -3.44 12.94
C ARG A 83 7.00 -4.04 13.85
N PHE A 84 6.06 -4.78 13.26
CA PHE A 84 5.05 -5.49 14.02
C PHE A 84 4.74 -6.85 13.41
N PRO A 85 4.18 -7.77 14.21
CA PRO A 85 3.97 -9.14 13.72
C PRO A 85 2.94 -9.29 12.64
N ASP A 86 3.02 -10.41 11.93
CA ASP A 86 1.95 -10.84 11.04
C ASP A 86 0.71 -11.15 11.86
N GLU A 87 -0.35 -10.40 11.60
CA GLU A 87 -1.56 -10.49 12.42
C GLU A 87 -2.29 -11.83 12.17
N ASN A 88 -2.59 -12.11 10.91
CA ASN A 88 -3.07 -13.41 10.47
C ASN A 88 -2.96 -13.43 8.94
N PHE A 89 -3.18 -14.61 8.37
CA PHE A 89 -3.15 -14.78 6.92
C PHE A 89 -4.52 -15.17 6.39
N THR A 90 -5.58 -14.71 7.05
CA THR A 90 -6.93 -15.15 6.73
C THR A 90 -7.39 -14.71 5.34
N LEU A 91 -7.15 -13.45 5.00
CA LEU A 91 -7.46 -12.95 3.67
C LEU A 91 -6.38 -13.38 2.68
N LYS A 92 -6.82 -13.69 1.46
CA LYS A 92 -5.91 -14.20 0.44
C LYS A 92 -5.69 -13.21 -0.69
N HIS A 93 -4.61 -13.43 -1.44
CA HIS A 93 -4.26 -12.58 -2.58
C HIS A 93 -5.07 -13.05 -3.78
N VAL A 94 -6.34 -12.67 -3.79
CA VAL A 94 -7.32 -13.28 -4.69
C VAL A 94 -7.31 -12.73 -6.11
N GLY A 95 -6.75 -11.55 -6.33
CA GLY A 95 -6.84 -10.93 -7.65
C GLY A 95 -6.38 -9.49 -7.63
N PRO A 96 -6.55 -8.81 -8.77
CA PRO A 96 -6.21 -7.39 -8.87
C PRO A 96 -6.96 -6.59 -7.81
N GLY A 97 -6.28 -5.61 -7.25
CA GLY A 97 -6.89 -4.73 -6.27
C GLY A 97 -6.66 -5.11 -4.82
N VAL A 98 -6.08 -6.27 -4.57
CA VAL A 98 -5.73 -6.66 -3.20
C VAL A 98 -4.66 -5.73 -2.63
N LEU A 99 -4.86 -5.31 -1.38
CA LEU A 99 -3.94 -4.47 -0.63
C LEU A 99 -3.30 -5.34 0.45
N SER A 100 -1.97 -5.42 0.45
CA SER A 100 -1.24 -6.35 1.28
C SER A 100 0.04 -5.71 1.81
N MET A 101 0.53 -6.22 2.94
CA MET A 101 1.75 -5.67 3.54
C MET A 101 2.99 -6.22 2.87
N ALA A 102 3.88 -5.33 2.45
CA ALA A 102 5.24 -5.72 2.08
C ALA A 102 5.99 -6.08 3.35
N ASN A 103 7.01 -6.92 3.23
CA ASN A 103 7.80 -7.28 4.39
C ASN A 103 9.16 -7.80 3.97
N ALA A 104 9.97 -8.15 4.97
CA ALA A 104 11.31 -8.70 4.76
C ALA A 104 11.40 -10.06 5.45
N GLY A 105 10.32 -10.82 5.34
CA GLY A 105 10.20 -12.12 6.00
C GLY A 105 9.18 -12.07 7.12
N PRO A 106 9.06 -13.18 7.86
CA PRO A 106 8.03 -13.24 8.90
C PRO A 106 8.14 -12.10 9.92
N ASN A 107 6.98 -11.55 10.28
CA ASN A 107 6.88 -10.58 11.37
C ASN A 107 7.76 -9.36 11.19
N THR A 108 7.73 -8.80 9.99
CA THR A 108 8.52 -7.59 9.70
C THR A 108 7.67 -6.53 9.00
N ASN A 109 6.40 -6.44 9.35
CA ASN A 109 5.53 -5.38 8.84
C ASN A 109 5.95 -4.05 9.39
N GLY A 110 5.98 -3.02 8.55
CA GLY A 110 6.30 -1.67 9.01
C GLY A 110 5.25 -0.74 8.46
N SER A 111 5.58 -0.09 7.33
CA SER A 111 4.65 0.76 6.63
C SER A 111 4.52 0.43 5.15
N GLN A 112 5.41 -0.39 4.60
CA GLN A 112 5.37 -0.67 3.18
C GLN A 112 4.25 -1.61 2.83
N PHE A 113 3.65 -1.36 1.67
CA PHE A 113 2.46 -2.07 1.22
C PHE A 113 2.49 -2.21 -0.28
N PHE A 114 1.65 -3.08 -0.81
CA PHE A 114 1.50 -3.18 -2.25
C PHE A 114 0.05 -3.40 -2.63
N ILE A 115 -0.26 -2.97 -3.84
CA ILE A 115 -1.54 -3.21 -4.48
C ILE A 115 -1.28 -4.15 -5.64
N CYS A 116 -1.93 -5.31 -5.59
CA CYS A 116 -1.75 -6.33 -6.63
C CYS A 116 -2.47 -5.93 -7.91
N THR A 117 -1.89 -6.31 -9.04
CA THR A 117 -2.56 -6.12 -10.32
C THR A 117 -2.94 -7.45 -11.00
N ILE A 118 -2.65 -8.54 -10.29
CA ILE A 118 -2.99 -9.91 -10.67
C ILE A 118 -3.24 -10.68 -9.37
N LYS A 119 -3.80 -11.88 -9.49
CA LYS A 119 -3.82 -12.83 -8.38
C LYS A 119 -2.37 -13.23 -8.08
N THR A 120 -1.98 -13.13 -6.81
CA THR A 120 -0.61 -13.49 -6.41
C THR A 120 -0.63 -14.55 -5.32
N ASP A 121 -1.07 -15.75 -5.69
CA ASP A 121 -1.37 -16.77 -4.69
C ASP A 121 -0.17 -17.25 -3.91
N TRP A 122 1.03 -17.12 -4.49
CA TRP A 122 2.26 -17.58 -3.83
C TRP A 122 2.62 -16.70 -2.62
N LEU A 123 1.96 -15.55 -2.49
CA LEU A 123 2.18 -14.69 -1.33
C LEU A 123 1.23 -15.02 -0.17
N ASP A 124 0.24 -15.88 -0.41
CA ASP A 124 -0.66 -16.31 0.66
C ASP A 124 0.14 -16.99 1.76
N GLY A 125 -0.15 -16.62 3.00
CA GLY A 125 0.57 -17.18 4.13
C GLY A 125 1.92 -16.55 4.41
N LYS A 126 2.31 -15.58 3.58
CA LYS A 126 3.58 -14.88 3.74
C LYS A 126 3.42 -13.37 3.90
N HIS A 127 2.40 -12.80 3.27
CA HIS A 127 2.07 -11.38 3.40
C HIS A 127 0.66 -11.24 3.92
N VAL A 128 0.48 -10.32 4.86
CA VAL A 128 -0.83 -10.05 5.44
C VAL A 128 -1.65 -9.15 4.53
N VAL A 129 -2.73 -9.73 3.98
CA VAL A 129 -3.71 -8.98 3.21
C VAL A 129 -4.62 -8.25 4.18
N PHE A 130 -4.88 -6.97 3.91
CA PHE A 130 -5.64 -6.17 4.85
C PHE A 130 -6.65 -5.22 4.21
N GLY A 131 -6.84 -5.29 2.89
CA GLY A 131 -7.84 -4.45 2.26
C GLY A 131 -7.92 -4.68 0.78
N HIS A 132 -8.64 -3.80 0.11
CA HIS A 132 -8.81 -3.89 -1.33
C HIS A 132 -9.21 -2.54 -1.90
N VAL A 133 -8.90 -2.36 -3.17
CA VAL A 133 -9.32 -1.19 -3.93
C VAL A 133 -10.84 -1.19 -4.12
N ILE A 134 -11.45 -0.08 -3.71
CA ILE A 134 -12.88 0.20 -3.87
C ILE A 134 -13.16 0.95 -5.17
N GLU A 135 -12.30 1.93 -5.44
CA GLU A 135 -12.40 2.80 -6.59
C GLU A 135 -10.99 3.18 -6.99
N GLY A 136 -10.80 3.42 -8.28
CA GLY A 136 -9.51 3.89 -8.76
C GLY A 136 -8.60 2.82 -9.29
N MET A 137 -9.12 1.66 -9.68
CA MET A 137 -8.25 0.71 -10.38
C MET A 137 -7.64 1.31 -11.65
N ASP A 138 -8.32 2.26 -12.29
CA ASP A 138 -7.71 2.96 -13.42
C ASP A 138 -6.40 3.63 -13.04
N VAL A 139 -6.38 4.23 -11.86
CA VAL A 139 -5.18 4.87 -11.34
C VAL A 139 -4.09 3.82 -11.08
N VAL A 140 -4.48 2.70 -10.47
CA VAL A 140 -3.54 1.61 -10.24
C VAL A 140 -2.94 1.09 -11.57
N LYS A 141 -3.77 0.94 -12.59
CA LYS A 141 -3.26 0.51 -13.90
C LYS A 141 -2.30 1.52 -14.48
N LYS A 142 -2.57 2.81 -14.28
CA LYS A 142 -1.65 3.84 -14.72
C LYS A 142 -0.30 3.71 -14.01
N ILE A 143 -0.33 3.59 -12.68
CA ILE A 143 0.88 3.39 -11.90
C ILE A 143 1.65 2.18 -12.42
N GLU A 144 0.95 1.07 -12.59
CA GLU A 144 1.53 -0.18 -13.07
C GLU A 144 2.26 0.02 -14.40
N SER A 145 1.65 0.81 -15.28
CA SER A 145 2.20 1.06 -16.63
C SER A 145 3.51 1.85 -16.58
N PHE A 146 3.79 2.48 -15.44
CA PHE A 146 5.03 3.23 -15.25
C PHE A 146 6.10 2.42 -14.51
N GLY A 147 5.85 1.12 -14.34
CA GLY A 147 6.86 0.23 -13.78
C GLY A 147 7.70 -0.45 -14.84
N SER A 148 8.46 -1.45 -14.40
CA SER A 148 9.31 -2.22 -15.29
C SER A 148 9.62 -3.56 -14.65
N LYS A 149 10.20 -4.47 -15.44
CA LYS A 149 10.53 -5.79 -14.93
C LYS A 149 11.42 -5.73 -13.69
N SER A 150 12.32 -4.74 -13.66
CA SER A 150 13.25 -4.57 -12.54
C SER A 150 12.58 -3.95 -11.31
N GLY A 151 11.39 -3.41 -11.48
CA GLY A 151 10.72 -2.67 -10.42
C GLY A 151 10.96 -1.17 -10.48
N ARG A 152 11.99 -0.75 -11.22
CA ARG A 152 12.27 0.68 -11.37
C ARG A 152 11.13 1.39 -12.09
N THR A 153 10.72 2.52 -11.54
CA THR A 153 9.68 3.30 -12.17
C THR A 153 10.26 4.25 -13.24
N SER A 154 9.48 4.46 -14.30
CA SER A 154 9.90 5.32 -15.40
C SER A 154 9.38 6.74 -15.26
N LYS A 155 8.52 6.96 -14.26
CA LYS A 155 8.05 8.29 -13.85
C LYS A 155 8.10 8.30 -12.32
N LYS A 156 8.21 9.49 -11.73
CA LYS A 156 8.24 9.61 -10.27
C LYS A 156 6.81 9.62 -9.75
N ILE A 157 6.44 8.58 -9.01
CA ILE A 157 5.07 8.34 -8.61
C ILE A 157 4.92 8.71 -7.14
N VAL A 158 4.20 9.79 -6.89
CA VAL A 158 4.12 10.40 -5.56
C VAL A 158 2.69 10.38 -5.02
N ILE A 159 2.55 9.94 -3.77
CA ILE A 159 1.29 10.09 -3.03
C ILE A 159 1.28 11.54 -2.53
N THR A 160 0.57 12.41 -3.24
CA THR A 160 0.60 13.83 -2.89
C THR A 160 -0.23 14.14 -1.67
N ASP A 161 -1.32 13.40 -1.52
CA ASP A 161 -2.29 13.58 -0.42
CA ASP A 161 -2.10 13.51 -0.31
C ASP A 161 -2.85 12.21 -0.07
N CYS A 162 -3.27 12.04 1.16
CA CYS A 162 -3.88 10.80 1.60
C CYS A 162 -4.65 11.08 2.87
N GLY A 163 -5.55 10.17 3.21
CA GLY A 163 -6.37 10.41 4.39
C GLY A 163 -7.49 9.40 4.51
N GLN A 164 -8.40 9.72 5.40
CA GLN A 164 -9.52 8.86 5.73
C GLN A 164 -10.83 9.51 5.30
N LEU A 165 -11.64 8.73 4.59
CA LEU A 165 -12.96 9.15 4.13
C LEU A 165 -14.08 8.80 5.11
N SER A 166 -13.98 7.64 5.77
CA SER A 166 -14.96 7.20 6.76
C SER A 166 -14.36 6.07 7.59
OAA 4SO B . 5.59 12.24 -17.58
OAB 4SO B . -0.90 9.06 -18.69
CAC 4SO B . 1.22 10.93 -19.01
CAD 4SO B . 2.39 11.69 -19.06
CAE 4SO B . 2.97 12.14 -17.87
SAF 4SO B . 4.43 13.10 -17.92
NAG 4SO B . 4.60 13.71 -19.39
CAH 4SO B . -0.66 9.82 -17.75
CAI 4SO B . 0.63 10.64 -17.79
CAJ 4SO B . 1.20 11.10 -16.60
CAK 4SO B . 2.37 11.86 -16.64
OAL 4SO B . 4.32 14.20 -16.92
OAM 4SO B . -1.44 10.02 -16.78
OAA 4SO C . 3.16 -13.59 -11.95
OAB 4SO C . 9.40 -9.46 -10.82
CAC 4SO C . 6.47 -11.51 -10.06
CAD 4SO C . 5.43 -12.17 -10.70
CAE 4SO C . 5.37 -12.15 -12.08
SAF 4SO C . 4.10 -12.98 -12.93
NAG 4SO C . 3.29 -11.94 -13.88
CAH 4SO C . 8.60 -10.11 -10.11
CAI 4SO C . 7.43 -10.83 -10.81
CAJ 4SO C . 7.37 -10.82 -12.19
CAK 4SO C . 6.33 -11.48 -12.83
OAL 4SO C . 4.73 -14.03 -13.79
OAM 4SO C . 8.76 -10.31 -8.89
C1 GOL D . 11.14 -4.41 0.53
O1 GOL D . 10.26 -4.95 -0.42
C2 GOL D . 11.00 -5.12 1.87
O2 GOL D . 9.97 -4.52 2.62
C3 GOL D . 12.31 -5.02 2.64
O3 GOL D . 12.24 -3.96 3.57
C1 GOL E . 13.64 -7.33 -4.91
O1 GOL E . 13.95 -6.95 -6.23
C2 GOL E . 13.55 -6.07 -4.06
O2 GOL E . 13.45 -4.94 -4.90
C3 GOL E . 12.31 -6.14 -3.16
O3 GOL E . 11.85 -7.47 -3.12
C1 GOL F . 6.64 -10.24 -3.22
O1 GOL F . 7.74 -11.07 -2.92
C2 GOL F . 7.03 -8.79 -2.97
O2 GOL F . 7.70 -8.73 -1.74
C3 GOL F . 5.76 -7.93 -2.91
O3 GOL F . 5.86 -7.00 -3.97
#